data_3L4C
#
_entry.id   3L4C
#
_cell.length_a   46.995
_cell.length_b   63.529
_cell.length_c   63.421
_cell.angle_alpha   90.00
_cell.angle_beta   109.28
_cell.angle_gamma   90.00
#
_symmetry.space_group_name_H-M   'P 1 21 1'
#
loop_
_entity.id
_entity.type
_entity.pdbx_description
1 polymer 'Dedicator of cytokinesis protein 1'
2 non-polymer BETA-MERCAPTOETHANOL
3 water water
#
_entity_poly.entity_id   1
_entity_poly.type   'polypeptide(L)'
_entity_poly.pdbx_seq_one_letter_code
;MGSSHHHHHHSSGLVPRGSHMPGDVRNDIYVTLVQGDFDKGSKTTAKNVEVTVSVYDEDGKRLEHVIFPGAGDEAISEYK
SVIYYQVKQPRWFETVKVAIPIEDVNRSHLRFTFRHRSSQDSKDKSEKIFALAFVKLMRYDGTTLRDGEHDLIVYKAEAK
KLEDAATYLSLPSTKAELEEKGHSATGKSMQSLGSCTISKDSFQISTLVCSTKLTQNVDL
;
_entity_poly.pdbx_strand_id   A,B
#
loop_
_chem_comp.id
_chem_comp.type
_chem_comp.name
_chem_comp.formula
BME non-polymer BETA-MERCAPTOETHANOL 'C2 H6 O S'
#
# COMPACT_ATOMS: atom_id res chain seq x y z
N ARG A 26 11.15 -25.53 2.50
CA ARG A 26 10.54 -24.73 1.40
C ARG A 26 11.04 -23.29 1.50
N ASN A 27 10.52 -22.42 0.64
CA ASN A 27 10.91 -21.01 0.65
C ASN A 27 9.68 -20.12 0.59
N ASP A 28 9.72 -19.03 1.36
CA ASP A 28 8.61 -18.08 1.37
C ASP A 28 9.01 -16.81 0.64
N ILE A 29 8.21 -16.41 -0.33
CA ILE A 29 8.46 -15.21 -1.09
C ILE A 29 7.20 -14.35 -1.08
N TYR A 30 7.24 -13.25 -0.35
CA TYR A 30 6.10 -12.36 -0.27
C TYR A 30 6.11 -11.42 -1.47
N VAL A 31 5.07 -11.55 -2.30
CA VAL A 31 4.96 -10.74 -3.50
C VAL A 31 3.87 -9.71 -3.37
N THR A 32 4.24 -8.45 -3.50
CA THR A 32 3.28 -7.37 -3.39
C THR A 32 2.97 -6.72 -4.73
N LEU A 33 1.70 -6.65 -5.07
CA LEU A 33 1.30 -5.95 -6.28
C LEU A 33 1.23 -4.53 -5.75
N VAL A 34 2.13 -3.66 -6.19
CA VAL A 34 2.11 -2.30 -5.66
C VAL A 34 1.18 -1.39 -6.46
N GLN A 35 1.61 -0.95 -7.64
CA GLN A 35 0.78 -0.09 -8.46
C GLN A 35 1.11 -0.20 -9.93
N GLY A 36 0.24 0.37 -10.75
CA GLY A 36 0.43 0.35 -12.18
C GLY A 36 -0.10 1.64 -12.79
N ASP A 37 0.22 1.86 -14.07
CA ASP A 37 -0.22 3.04 -14.81
C ASP A 37 -0.58 2.54 -16.20
N PHE A 38 -1.84 2.73 -16.59
CA PHE A 38 -2.32 2.25 -17.88
C PHE A 38 -3.06 3.32 -18.67
N ASP A 39 -3.35 3.00 -19.93
CA ASP A 39 -4.09 3.87 -20.84
C ASP A 39 -4.79 2.97 -21.82
N LYS A 40 -5.48 3.52 -22.82
CA LYS A 40 -6.18 2.68 -23.79
C LYS A 40 -6.06 3.13 -25.25
N GLY A 41 -6.00 4.44 -25.46
CA GLY A 41 -5.90 4.94 -26.82
C GLY A 41 -7.26 5.30 -27.39
N SER A 42 -7.73 4.52 -28.36
CA SER A 42 -9.03 4.77 -28.99
C SER A 42 -10.20 4.78 -28.02
N LYS A 43 -9.90 4.53 -26.74
CA LYS A 43 -10.93 4.55 -25.70
C LYS A 43 -10.53 5.64 -24.71
N THR A 44 -10.99 6.86 -24.97
CA THR A 44 -10.71 7.99 -24.11
C THR A 44 -11.43 7.77 -22.79
N THR A 45 -11.14 6.62 -22.18
CA THR A 45 -11.74 6.22 -20.90
C THR A 45 -10.96 5.03 -20.34
N ALA A 46 -10.44 5.21 -19.13
CA ALA A 46 -9.65 4.19 -18.45
C ALA A 46 -10.16 2.76 -18.57
N LYS A 47 -9.27 1.82 -18.25
CA LYS A 47 -9.61 0.41 -18.29
C LYS A 47 -9.83 0.00 -16.84
N ASN A 48 -10.48 -1.14 -16.64
CA ASN A 48 -10.71 -1.69 -15.31
C ASN A 48 -9.73 -2.85 -15.29
N VAL A 49 -8.50 -2.56 -14.88
CA VAL A 49 -7.44 -3.53 -14.88
C VAL A 49 -7.41 -4.55 -13.77
N GLU A 50 -7.35 -5.81 -14.19
CA GLU A 50 -7.28 -6.93 -13.27
C GLU A 50 -5.91 -7.56 -13.49
N VAL A 51 -5.19 -7.86 -12.41
CA VAL A 51 -3.89 -8.49 -12.53
C VAL A 51 -3.98 -9.94 -12.03
N THR A 52 -3.54 -10.88 -12.86
CA THR A 52 -3.55 -12.28 -12.45
C THR A 52 -2.10 -12.69 -12.17
N VAL A 53 -1.84 -13.19 -10.97
CA VAL A 53 -0.50 -13.60 -10.59
C VAL A 53 -0.38 -15.12 -10.60
N SER A 54 0.66 -15.62 -11.26
CA SER A 54 0.90 -17.06 -11.32
C SER A 54 2.39 -17.35 -11.27
N VAL A 55 2.73 -18.57 -10.88
CA VAL A 55 4.12 -19.01 -10.81
C VAL A 55 4.32 -20.06 -11.89
N TYR A 56 5.19 -19.75 -12.85
CA TYR A 56 5.49 -20.67 -13.94
C TYR A 56 6.94 -21.11 -13.96
N ASP A 57 7.22 -22.15 -14.74
CA ASP A 57 8.58 -22.66 -14.84
C ASP A 57 9.11 -22.38 -16.25
N GLU A 58 10.40 -22.60 -16.45
CA GLU A 58 11.07 -22.36 -17.73
C GLU A 58 10.33 -22.91 -18.95
N ASP A 59 9.62 -24.01 -18.79
CA ASP A 59 8.90 -24.61 -19.92
C ASP A 59 7.51 -24.05 -20.18
N GLY A 60 7.08 -23.10 -19.36
CA GLY A 60 5.76 -22.52 -19.55
C GLY A 60 4.67 -23.35 -18.89
N LYS A 61 5.06 -24.25 -18.01
CA LYS A 61 4.11 -25.09 -17.29
C LYS A 61 3.91 -24.41 -15.94
N ARG A 62 2.66 -24.39 -15.47
CA ARG A 62 2.35 -23.73 -14.22
C ARG A 62 2.62 -24.57 -12.99
N LEU A 63 3.11 -23.92 -11.93
CA LEU A 63 3.35 -24.61 -10.67
C LEU A 63 2.06 -24.51 -9.89
N GLU A 64 1.54 -25.64 -9.45
CA GLU A 64 0.26 -25.68 -8.74
C GLU A 64 0.29 -25.56 -7.23
N HIS A 65 -0.71 -24.88 -6.69
CA HIS A 65 -0.89 -24.72 -5.26
C HIS A 65 0.34 -24.21 -4.50
N VAL A 66 0.88 -23.08 -4.92
CA VAL A 66 2.05 -22.51 -4.26
C VAL A 66 1.81 -21.07 -3.83
N ILE A 67 0.60 -20.59 -4.11
CA ILE A 67 0.24 -19.22 -3.76
C ILE A 67 -0.68 -19.24 -2.55
N PHE A 68 -0.31 -18.49 -1.52
CA PHE A 68 -1.07 -18.42 -0.27
C PHE A 68 -1.50 -16.98 0.07
N PRO A 69 -2.71 -16.58 -0.33
CA PRO A 69 -3.16 -15.22 -0.02
C PRO A 69 -3.70 -15.16 1.41
N GLY A 70 -3.93 -13.93 1.88
CA GLY A 70 -4.46 -13.73 3.21
C GLY A 70 -3.86 -14.53 4.35
N ALA A 71 -4.73 -15.15 5.14
CA ALA A 71 -4.32 -15.95 6.30
C ALA A 71 -3.32 -17.05 5.93
N GLY A 72 -3.26 -17.40 4.66
CA GLY A 72 -2.34 -18.42 4.19
C GLY A 72 -2.66 -19.85 4.60
N ASP A 73 -3.94 -20.18 4.74
CA ASP A 73 -4.32 -21.55 5.13
C ASP A 73 -4.72 -22.43 3.94
N GLU A 74 -4.90 -21.80 2.78
CA GLU A 74 -5.28 -22.53 1.57
C GLU A 74 -4.45 -22.05 0.40
N ALA A 75 -3.88 -22.98 -0.35
CA ALA A 75 -3.05 -22.62 -1.50
C ALA A 75 -3.82 -22.61 -2.81
N ILE A 76 -3.45 -21.71 -3.70
CA ILE A 76 -4.08 -21.64 -5.00
C ILE A 76 -2.98 -21.59 -6.06
N SER A 77 -3.38 -21.68 -7.32
CA SER A 77 -2.42 -21.66 -8.42
C SER A 77 -2.57 -20.35 -9.17
N GLU A 78 -3.67 -19.65 -8.95
CA GLU A 78 -3.95 -18.41 -9.64
C GLU A 78 -4.56 -17.36 -8.68
N TYR A 79 -4.03 -16.13 -8.73
CA TYR A 79 -4.50 -15.05 -7.87
C TYR A 79 -4.97 -13.85 -8.69
N LYS A 80 -6.12 -13.30 -8.34
CA LYS A 80 -6.63 -12.14 -9.06
C LYS A 80 -6.80 -10.95 -8.12
N SER A 81 -6.34 -9.80 -8.56
CA SER A 81 -6.39 -8.58 -7.77
C SER A 81 -7.74 -7.90 -7.77
N VAL A 82 -7.83 -6.85 -6.98
CA VAL A 82 -9.04 -6.05 -6.90
C VAL A 82 -9.08 -5.25 -8.19
N ILE A 83 -10.27 -5.11 -8.78
CA ILE A 83 -10.39 -4.34 -10.02
C ILE A 83 -10.80 -2.92 -9.64
N TYR A 84 -9.98 -1.95 -10.00
CA TYR A 84 -10.31 -0.56 -9.70
C TYR A 84 -10.90 0.11 -10.93
N TYR A 85 -12.22 0.10 -10.97
CA TYR A 85 -13.03 0.67 -12.03
C TYR A 85 -12.52 1.99 -12.56
N GLN A 86 -12.34 2.07 -13.88
CA GLN A 86 -11.88 3.28 -14.52
C GLN A 86 -10.79 4.05 -13.79
N VAL A 87 -9.87 3.33 -13.16
CA VAL A 87 -8.76 3.97 -12.47
C VAL A 87 -7.50 3.78 -13.32
N LYS A 88 -7.02 4.87 -13.89
CA LYS A 88 -5.84 4.86 -14.74
C LYS A 88 -4.57 4.42 -14.02
N GLN A 89 -4.50 4.74 -12.73
CA GLN A 89 -3.32 4.40 -11.94
C GLN A 89 -3.66 3.65 -10.66
N PRO A 90 -4.03 2.37 -10.80
CA PRO A 90 -4.40 1.48 -9.69
C PRO A 90 -3.28 1.32 -8.67
N ARG A 91 -3.66 1.30 -7.40
CA ARG A 91 -2.72 1.14 -6.30
C ARG A 91 -3.22 -0.02 -5.45
N TRP A 92 -2.98 -1.23 -5.96
CA TRP A 92 -3.39 -2.46 -5.32
C TRP A 92 -2.82 -2.67 -3.93
N PHE A 93 -1.49 -2.57 -3.81
CA PHE A 93 -0.83 -2.80 -2.53
C PHE A 93 -1.35 -4.10 -1.91
N GLU A 94 -1.37 -5.15 -2.71
CA GLU A 94 -1.85 -6.47 -2.28
C GLU A 94 -0.65 -7.40 -2.14
N THR A 95 -0.60 -8.15 -1.04
CA THR A 95 0.50 -9.06 -0.79
C THR A 95 0.06 -10.51 -0.69
N VAL A 96 0.70 -11.38 -1.45
CA VAL A 96 0.40 -12.80 -1.39
C VAL A 96 1.71 -13.52 -1.07
N LYS A 97 1.61 -14.69 -0.47
CA LYS A 97 2.80 -15.46 -0.12
C LYS A 97 3.00 -16.61 -1.11
N VAL A 98 4.15 -16.63 -1.76
CA VAL A 98 4.47 -17.70 -2.70
C VAL A 98 5.40 -18.63 -1.95
N ALA A 99 5.02 -19.89 -1.88
CA ALA A 99 5.82 -20.89 -1.20
C ALA A 99 6.12 -22.03 -2.16
N ILE A 100 7.36 -22.11 -2.60
CA ILE A 100 7.80 -23.15 -3.53
C ILE A 100 9.04 -23.86 -3.00
N PRO A 101 9.10 -25.19 -3.17
CA PRO A 101 10.24 -25.99 -2.69
C PRO A 101 11.56 -25.41 -3.20
N ILE A 102 12.57 -25.37 -2.33
CA ILE A 102 13.88 -24.85 -2.69
C ILE A 102 14.43 -25.56 -3.92
N GLU A 103 13.86 -26.72 -4.21
CA GLU A 103 14.26 -27.53 -5.35
C GLU A 103 13.68 -27.00 -6.66
N ASP A 104 12.66 -26.15 -6.57
CA ASP A 104 12.01 -25.61 -7.76
C ASP A 104 12.12 -24.09 -7.94
N VAL A 105 12.94 -23.45 -7.10
CA VAL A 105 13.10 -22.01 -7.18
C VAL A 105 13.88 -21.49 -8.40
N ASN A 106 14.97 -22.17 -8.76
CA ASN A 106 15.77 -21.72 -9.89
C ASN A 106 15.12 -21.88 -11.26
N ARG A 107 14.11 -22.75 -11.36
CA ARG A 107 13.42 -22.96 -12.63
C ARG A 107 12.11 -22.18 -12.74
N SER A 108 11.75 -21.45 -11.69
CA SER A 108 10.50 -20.72 -11.67
C SER A 108 10.56 -19.20 -11.80
N HIS A 109 9.44 -18.64 -12.21
CA HIS A 109 9.31 -17.19 -12.35
C HIS A 109 7.86 -16.77 -12.10
N LEU A 110 7.67 -15.48 -11.85
CA LEU A 110 6.34 -14.96 -11.61
C LEU A 110 5.77 -14.37 -12.90
N ARG A 111 4.52 -14.67 -13.19
CA ARG A 111 3.90 -14.14 -14.39
C ARG A 111 2.69 -13.30 -14.01
N PHE A 112 2.65 -12.08 -14.55
CA PHE A 112 1.58 -11.15 -14.27
C PHE A 112 0.82 -10.88 -15.55
N THR A 113 -0.45 -11.22 -15.56
CA THR A 113 -1.26 -10.99 -16.74
C THR A 113 -2.23 -9.87 -16.44
N PHE A 114 -2.40 -8.97 -17.39
CA PHE A 114 -3.29 -7.85 -17.21
C PHE A 114 -4.49 -7.97 -18.14
N ARG A 115 -5.67 -7.70 -17.59
CA ARG A 115 -6.89 -7.79 -18.35
C ARG A 115 -7.83 -6.64 -18.00
N HIS A 116 -8.71 -6.31 -18.94
CA HIS A 116 -9.70 -5.27 -18.75
C HIS A 116 -11.06 -5.92 -18.55
N ARG A 117 -11.74 -5.59 -17.46
CA ARG A 117 -13.06 -6.16 -17.17
C ARG A 117 -14.10 -5.04 -17.18
N SER A 118 -15.26 -5.30 -17.78
CA SER A 118 -16.31 -4.30 -17.82
C SER A 118 -17.32 -4.46 -16.68
N SER A 119 -17.32 -5.65 -16.08
CA SER A 119 -18.21 -5.95 -14.96
C SER A 119 -19.64 -5.46 -15.23
N GLN A 120 -20.13 -5.68 -16.43
CA GLN A 120 -21.47 -5.29 -16.78
C GLN A 120 -22.37 -6.50 -16.64
N ASP A 121 -23.62 -6.31 -16.22
CA ASP A 121 -24.54 -7.44 -16.11
C ASP A 121 -24.88 -7.72 -17.56
N SER A 122 -24.28 -6.91 -18.43
CA SER A 122 -24.47 -6.98 -19.88
C SER A 122 -23.20 -7.49 -20.56
N LYS A 123 -23.28 -8.66 -21.19
CA LYS A 123 -22.12 -9.24 -21.87
C LYS A 123 -21.88 -8.53 -23.19
N ASP A 124 -20.66 -8.08 -23.43
CA ASP A 124 -20.33 -7.41 -24.70
C ASP A 124 -18.91 -7.68 -25.17
N LYS A 125 -17.92 -7.37 -24.33
CA LYS A 125 -16.51 -7.58 -24.70
C LYS A 125 -16.00 -8.89 -24.09
N SER A 126 -15.31 -9.69 -24.91
CA SER A 126 -14.73 -10.94 -24.45
C SER A 126 -13.42 -10.66 -23.74
N GLU A 127 -13.40 -9.53 -23.04
CA GLU A 127 -12.28 -9.03 -22.24
C GLU A 127 -11.08 -9.97 -22.16
N LYS A 128 -10.16 -9.87 -23.12
CA LYS A 128 -9.01 -10.75 -23.06
C LYS A 128 -7.73 -10.03 -22.66
N ILE A 129 -6.72 -10.83 -22.32
CA ILE A 129 -5.42 -10.34 -21.90
C ILE A 129 -4.79 -9.34 -22.87
N PHE A 130 -4.40 -8.18 -22.36
CA PHE A 130 -3.78 -7.18 -23.21
C PHE A 130 -2.31 -6.97 -22.92
N ALA A 131 -1.84 -7.35 -21.73
CA ALA A 131 -0.43 -7.17 -21.41
C ALA A 131 0.12 -8.22 -20.45
N LEU A 132 1.44 -8.24 -20.32
CA LEU A 132 2.11 -9.20 -19.46
C LEU A 132 3.44 -8.68 -18.92
N ALA A 133 3.77 -9.09 -17.69
CA ALA A 133 5.01 -8.71 -17.05
C ALA A 133 5.48 -9.94 -16.28
N PHE A 134 6.78 -10.02 -15.98
CA PHE A 134 7.28 -11.17 -15.25
C PHE A 134 8.62 -10.88 -14.57
N VAL A 135 9.01 -11.76 -13.67
CA VAL A 135 10.28 -11.63 -12.97
C VAL A 135 10.76 -13.02 -12.57
N LYS A 136 12.04 -13.29 -12.81
CA LYS A 136 12.62 -14.58 -12.48
C LYS A 136 13.03 -14.59 -11.02
N LEU A 137 12.80 -15.71 -10.37
CA LEU A 137 13.15 -15.82 -8.95
C LEU A 137 14.65 -15.94 -8.79
N MET A 138 15.30 -16.74 -9.63
CA MET A 138 16.74 -16.88 -9.51
C MET A 138 17.50 -16.11 -10.59
N ARG A 139 18.68 -15.62 -10.21
CA ARG A 139 19.54 -14.88 -11.13
C ARG A 139 20.49 -15.88 -11.79
N TYR A 140 21.17 -15.44 -12.84
CA TYR A 140 22.14 -16.29 -13.54
C TYR A 140 23.36 -16.39 -12.63
N ASP A 141 23.19 -15.91 -11.41
CA ASP A 141 24.26 -15.92 -10.42
C ASP A 141 23.88 -16.86 -9.28
N GLY A 142 23.00 -17.81 -9.58
CA GLY A 142 22.56 -18.77 -8.57
C GLY A 142 22.00 -18.09 -7.33
N THR A 143 21.82 -16.78 -7.40
CA THR A 143 21.30 -16.00 -6.28
C THR A 143 19.83 -15.65 -6.49
N THR A 144 19.02 -15.91 -5.46
CA THR A 144 17.60 -15.63 -5.52
C THR A 144 17.32 -14.16 -5.83
N LEU A 145 16.05 -13.84 -6.07
CA LEU A 145 15.63 -12.47 -6.40
C LEU A 145 15.93 -11.48 -5.28
N ARG A 146 16.40 -10.29 -5.67
CA ARG A 146 16.74 -9.26 -4.70
C ARG A 146 15.52 -8.63 -4.04
N ASP A 147 15.51 -8.60 -2.71
CA ASP A 147 14.41 -8.02 -1.96
C ASP A 147 14.20 -6.56 -2.36
N GLY A 148 12.95 -6.11 -2.37
CA GLY A 148 12.68 -4.73 -2.73
C GLY A 148 11.71 -4.55 -3.89
N GLU A 149 11.63 -3.32 -4.38
CA GLU A 149 10.73 -3.01 -5.48
C GLU A 149 11.33 -3.39 -6.82
N HIS A 150 10.45 -3.69 -7.78
CA HIS A 150 10.88 -4.05 -9.11
C HIS A 150 9.99 -3.31 -10.10
N ASP A 151 10.60 -2.59 -11.02
CA ASP A 151 9.85 -1.86 -12.02
C ASP A 151 9.78 -2.73 -13.27
N LEU A 152 8.75 -3.57 -13.31
CA LEU A 152 8.56 -4.49 -14.42
C LEU A 152 8.16 -3.85 -15.74
N ILE A 153 8.65 -4.46 -16.81
CA ILE A 153 8.35 -4.02 -18.15
C ILE A 153 7.01 -4.64 -18.53
N VAL A 154 6.11 -3.82 -19.05
CA VAL A 154 4.82 -4.31 -19.46
C VAL A 154 4.86 -4.54 -20.97
N TYR A 155 4.85 -5.82 -21.33
CA TYR A 155 4.91 -6.26 -22.72
C TYR A 155 3.51 -6.52 -23.27
N LYS A 156 3.32 -6.20 -24.54
CA LYS A 156 2.05 -6.42 -25.20
C LYS A 156 2.31 -7.19 -26.48
N ALA A 157 1.34 -7.98 -26.89
CA ALA A 157 1.43 -8.78 -28.11
C ALA A 157 0.11 -9.54 -28.14
N GLU A 158 -0.12 -10.30 -29.21
CA GLU A 158 -1.35 -11.06 -29.31
C GLU A 158 -1.48 -12.07 -28.17
N ALA A 159 -2.71 -12.34 -27.77
CA ALA A 159 -3.02 -13.26 -26.70
C ALA A 159 -2.05 -14.42 -26.52
N LYS A 160 -2.11 -15.38 -27.45
CA LYS A 160 -1.26 -16.57 -27.39
C LYS A 160 0.24 -16.29 -27.31
N LYS A 161 0.74 -15.43 -28.18
CA LYS A 161 2.16 -15.10 -28.19
C LYS A 161 2.59 -14.52 -26.86
N LEU A 162 1.65 -13.84 -26.21
CA LEU A 162 1.91 -13.21 -24.93
C LEU A 162 2.22 -14.21 -23.81
N GLU A 163 1.61 -15.40 -23.89
CA GLU A 163 1.81 -16.43 -22.87
C GLU A 163 2.90 -17.46 -23.19
N ASP A 164 3.84 -17.10 -24.05
CA ASP A 164 4.91 -18.03 -24.41
C ASP A 164 6.15 -17.79 -23.57
N ALA A 165 6.31 -18.58 -22.51
CA ALA A 165 7.46 -18.43 -21.63
C ALA A 165 8.77 -18.52 -22.42
N ALA A 166 8.77 -19.32 -23.48
CA ALA A 166 9.96 -19.50 -24.30
C ALA A 166 10.37 -18.16 -24.91
N THR A 167 9.38 -17.32 -25.16
CA THR A 167 9.63 -15.99 -25.73
C THR A 167 10.09 -14.97 -24.71
N TYR A 168 9.17 -14.50 -23.87
CA TYR A 168 9.51 -13.48 -22.89
C TYR A 168 10.62 -13.82 -21.90
N LEU A 169 10.81 -15.10 -21.57
CA LEU A 169 11.87 -15.46 -20.64
C LEU A 169 13.24 -15.02 -21.13
N SER A 170 13.36 -14.84 -22.44
CA SER A 170 14.63 -14.42 -23.04
C SER A 170 14.80 -12.91 -23.13
N LEU A 171 13.77 -12.17 -22.72
CA LEU A 171 13.80 -10.71 -22.80
C LEU A 171 13.98 -10.05 -21.42
N PRO A 172 14.41 -8.78 -21.41
CA PRO A 172 14.63 -8.03 -20.16
C PRO A 172 13.40 -8.12 -19.25
N SER A 173 13.64 -8.37 -17.96
CA SER A 173 12.57 -8.50 -17.00
C SER A 173 12.14 -7.15 -16.41
N THR A 174 13.11 -6.39 -15.92
CA THR A 174 12.83 -5.09 -15.32
C THR A 174 13.34 -3.97 -16.22
N LYS A 175 12.99 -2.74 -15.88
CA LYS A 175 13.42 -1.60 -16.66
C LYS A 175 14.88 -1.30 -16.35
N ALA A 176 15.32 -1.73 -15.18
CA ALA A 176 16.72 -1.54 -14.78
C ALA A 176 17.57 -2.42 -15.70
N GLU A 177 17.01 -3.56 -16.10
CA GLU A 177 17.68 -4.48 -17.00
C GLU A 177 17.64 -3.97 -18.43
N LEU A 178 16.47 -3.48 -18.84
CA LEU A 178 16.32 -2.95 -20.19
C LEU A 178 17.33 -1.84 -20.45
N GLU A 179 17.50 -0.96 -19.47
CA GLU A 179 18.42 0.17 -19.60
C GLU A 179 19.87 -0.27 -19.67
N GLU A 180 20.19 -1.42 -19.07
CA GLU A 180 21.54 -1.94 -19.10
C GLU A 180 21.78 -2.55 -20.48
N LYS A 181 21.07 -2.03 -21.48
CA LYS A 181 21.16 -2.50 -22.85
C LYS A 181 20.86 -1.37 -23.82
N SER A 189 13.80 5.67 -26.47
CA SER A 189 13.44 4.55 -25.60
C SER A 189 12.89 3.38 -26.42
N MET A 190 13.31 2.17 -26.04
CA MET A 190 12.88 0.96 -26.72
C MET A 190 11.36 0.85 -26.69
N GLN A 191 10.76 0.61 -27.85
CA GLN A 191 9.32 0.47 -27.93
C GLN A 191 8.94 -0.92 -28.39
N SER A 192 9.95 -1.71 -28.77
CA SER A 192 9.73 -3.06 -29.28
C SER A 192 11.00 -3.89 -29.14
N LEU A 193 10.86 -5.20 -28.98
CA LEU A 193 12.00 -6.09 -28.82
C LEU A 193 11.58 -7.55 -29.01
N GLY A 194 12.24 -8.28 -29.91
CA GLY A 194 11.88 -9.66 -30.13
C GLY A 194 10.42 -9.78 -30.58
N SER A 195 9.94 -8.74 -31.25
CA SER A 195 8.57 -8.64 -31.76
C SER A 195 7.59 -8.26 -30.66
N CYS A 196 8.09 -8.15 -29.44
CA CYS A 196 7.25 -7.79 -28.29
C CYS A 196 7.21 -6.28 -28.13
N THR A 197 6.03 -5.73 -27.93
CA THR A 197 5.89 -4.29 -27.74
C THR A 197 6.18 -3.93 -26.30
N ILE A 198 7.11 -3.00 -26.09
CA ILE A 198 7.44 -2.57 -24.75
C ILE A 198 6.52 -1.37 -24.51
N SER A 199 5.48 -1.61 -23.72
CA SER A 199 4.49 -0.58 -23.42
C SER A 199 5.01 0.57 -22.57
N LYS A 200 4.31 1.69 -22.68
CA LYS A 200 4.63 2.89 -21.90
C LYS A 200 3.95 2.69 -20.55
N ASP A 201 3.06 1.69 -20.48
CA ASP A 201 2.38 1.37 -19.24
C ASP A 201 3.43 1.02 -18.21
N SER A 202 3.07 1.19 -16.94
CA SER A 202 4.03 0.90 -15.88
C SER A 202 3.43 -0.07 -14.87
N PHE A 203 4.30 -0.82 -14.20
CA PHE A 203 3.87 -1.80 -13.23
C PHE A 203 4.99 -2.03 -12.22
N GLN A 204 4.65 -1.97 -10.95
CA GLN A 204 5.65 -2.13 -9.90
C GLN A 204 5.23 -3.17 -8.88
N ILE A 205 6.20 -3.94 -8.41
CA ILE A 205 5.94 -4.94 -7.39
C ILE A 205 7.06 -4.83 -6.38
N SER A 206 6.93 -5.57 -5.28
CA SER A 206 7.94 -5.55 -4.25
C SER A 206 8.05 -7.00 -3.78
N THR A 207 9.27 -7.50 -3.61
CA THR A 207 9.46 -8.87 -3.18
C THR A 207 10.26 -8.97 -1.88
N LEU A 208 10.07 -10.07 -1.18
CA LEU A 208 10.77 -10.31 0.07
C LEU A 208 10.87 -11.82 0.26
N VAL A 209 12.10 -12.33 0.26
CA VAL A 209 12.33 -13.75 0.42
C VAL A 209 12.57 -14.14 1.89
N CYS A 210 12.32 -15.41 2.20
CA CYS A 210 12.51 -15.93 3.54
C CYS A 210 12.83 -17.43 3.48
N ARG B 26 20.11 10.56 15.96
CA ARG B 26 18.71 10.38 15.47
C ARG B 26 18.33 8.92 15.27
N ASN B 27 17.06 8.62 15.51
CA ASN B 27 16.53 7.27 15.33
C ASN B 27 15.53 7.38 14.18
N ASP B 28 15.58 6.43 13.25
CA ASP B 28 14.68 6.46 12.11
C ASP B 28 13.43 5.61 12.31
N ILE B 29 12.29 6.12 11.86
CA ILE B 29 11.02 5.42 11.97
C ILE B 29 10.22 5.64 10.71
N TYR B 30 9.90 4.56 10.00
CA TYR B 30 9.09 4.68 8.80
C TYR B 30 7.65 4.53 9.24
N VAL B 31 6.86 5.53 8.93
CA VAL B 31 5.46 5.53 9.32
C VAL B 31 4.60 5.46 8.09
N THR B 32 3.78 4.43 8.00
CA THR B 32 2.91 4.31 6.87
C THR B 32 1.45 4.55 7.22
N LEU B 33 0.79 5.41 6.47
CA LEU B 33 -0.62 5.65 6.66
C LEU B 33 -1.19 4.56 5.77
N VAL B 34 -1.85 3.58 6.36
CA VAL B 34 -2.38 2.49 5.54
C VAL B 34 -3.74 2.84 4.98
N GLN B 35 -4.79 2.68 5.78
CA GLN B 35 -6.14 3.01 5.33
C GLN B 35 -7.07 3.34 6.49
N GLY B 36 -8.26 3.81 6.15
CA GLY B 36 -9.24 4.17 7.14
C GLY B 36 -10.65 3.97 6.65
N ASP B 37 -11.60 3.98 7.60
CA ASP B 37 -13.01 3.79 7.30
C ASP B 37 -13.71 4.91 8.07
N PHE B 38 -14.48 5.73 7.36
CA PHE B 38 -15.17 6.85 7.99
C PHE B 38 -16.66 6.94 7.66
N ASP B 39 -17.46 7.28 8.68
CA ASP B 39 -18.91 7.43 8.53
C ASP B 39 -19.62 6.24 7.88
N LYS B 40 -19.39 5.05 8.42
CA LYS B 40 -20.02 3.85 7.88
C LYS B 40 -21.55 3.99 7.84
N GLY B 41 -22.13 3.79 6.67
CA GLY B 41 -23.58 3.92 6.52
C GLY B 41 -23.92 5.35 6.89
N SER B 42 -24.03 6.24 5.91
CA SER B 42 -24.29 7.63 6.24
C SER B 42 -25.52 8.36 5.69
N LYS B 43 -25.69 9.55 6.26
CA LYS B 43 -26.76 10.50 5.98
C LYS B 43 -26.62 11.19 4.64
N THR B 44 -25.96 12.34 4.66
CA THR B 44 -25.74 13.15 3.47
C THR B 44 -24.42 12.82 2.77
N THR B 45 -23.54 13.80 2.71
CA THR B 45 -22.26 13.64 2.04
C THR B 45 -21.22 12.85 2.84
N ALA B 46 -20.45 12.03 2.13
CA ALA B 46 -19.37 11.30 2.76
C ALA B 46 -18.36 12.40 2.97
N LYS B 47 -17.23 12.12 3.62
CA LYS B 47 -16.25 13.17 3.81
C LYS B 47 -15.11 13.04 2.82
N ASN B 48 -14.37 14.13 2.64
CA ASN B 48 -13.19 14.14 1.78
C ASN B 48 -12.13 14.27 2.89
N VAL B 49 -11.72 13.12 3.39
CA VAL B 49 -10.79 13.05 4.51
C VAL B 49 -9.32 13.32 4.25
N GLU B 50 -8.78 14.27 4.99
CA GLU B 50 -7.37 14.60 4.93
C GLU B 50 -6.73 14.21 6.26
N VAL B 51 -5.59 13.53 6.22
CA VAL B 51 -4.91 13.15 7.46
C VAL B 51 -3.68 14.03 7.64
N THR B 52 -3.53 14.61 8.82
CA THR B 52 -2.35 15.43 9.11
C THR B 52 -1.50 14.68 10.15
N VAL B 53 -0.25 14.40 9.79
CA VAL B 53 0.68 13.70 10.67
C VAL B 53 1.70 14.64 11.32
N SER B 54 1.89 14.49 12.63
CA SER B 54 2.84 15.30 13.39
C SER B 54 3.40 14.56 14.59
N VAL B 55 4.54 15.04 15.06
CA VAL B 55 5.24 14.47 16.21
C VAL B 55 5.23 15.51 17.32
N TYR B 56 4.71 15.12 18.49
CA TYR B 56 4.62 15.99 19.65
C TYR B 56 5.28 15.32 20.86
N ASP B 57 5.58 16.10 21.89
CA ASP B 57 6.16 15.50 23.07
C ASP B 57 5.12 15.41 24.17
N GLU B 58 5.49 14.79 25.29
CA GLU B 58 4.62 14.60 26.44
C GLU B 58 3.90 15.87 26.87
N ASP B 59 4.54 17.02 26.66
CA ASP B 59 3.97 18.30 27.06
C ASP B 59 3.03 18.91 26.03
N GLY B 60 2.88 18.25 24.88
CA GLY B 60 2.00 18.78 23.86
C GLY B 60 2.72 19.77 22.95
N LYS B 61 4.04 19.81 23.05
CA LYS B 61 4.84 20.71 22.22
C LYS B 61 5.26 19.95 20.97
N ARG B 62 5.15 20.59 19.81
CA ARG B 62 5.52 19.93 18.56
C ARG B 62 7.01 19.92 18.33
N LEU B 63 7.50 18.80 17.79
CA LEU B 63 8.90 18.64 17.45
C LEU B 63 9.03 19.09 16.01
N GLU B 64 9.92 20.04 15.76
CA GLU B 64 10.10 20.59 14.43
C GLU B 64 11.12 19.90 13.54
N HIS B 65 10.82 19.89 12.25
CA HIS B 65 11.71 19.31 11.25
C HIS B 65 12.14 17.88 11.52
N VAL B 66 11.20 17.01 11.90
CA VAL B 66 11.56 15.63 12.15
C VAL B 66 10.91 14.68 11.17
N ILE B 67 10.18 15.24 10.20
CA ILE B 67 9.49 14.42 9.19
C ILE B 67 10.13 14.60 7.82
N PHE B 68 10.44 13.48 7.19
CA PHE B 68 11.08 13.48 5.88
C PHE B 68 10.30 12.64 4.86
N PRO B 69 9.35 13.25 4.13
CA PRO B 69 8.58 12.47 3.16
C PRO B 69 9.36 12.34 1.84
N GLY B 70 8.82 11.55 0.92
CA GLY B 70 9.47 11.37 -0.37
C GLY B 70 10.93 10.96 -0.32
N ALA B 71 11.77 11.64 -1.09
CA ALA B 71 13.19 11.33 -1.13
C ALA B 71 13.90 11.62 0.19
N GLY B 72 13.20 12.29 1.10
CA GLY B 72 13.77 12.61 2.40
C GLY B 72 14.85 13.68 2.39
N ASP B 73 14.82 14.56 1.40
CA ASP B 73 15.82 15.62 1.29
C ASP B 73 15.50 16.85 2.14
N GLU B 74 14.22 17.07 2.43
CA GLU B 74 13.83 18.23 3.21
C GLU B 74 12.96 17.85 4.40
N ALA B 75 13.27 18.42 5.55
CA ALA B 75 12.53 18.15 6.78
C ALA B 75 11.37 19.10 6.98
N ILE B 76 10.22 18.55 7.37
CA ILE B 76 9.06 19.36 7.66
C ILE B 76 8.55 18.98 9.04
N SER B 77 7.64 19.78 9.59
CA SER B 77 7.11 19.50 10.91
C SER B 77 5.68 18.98 10.83
N GLU B 78 5.12 19.00 9.63
CA GLU B 78 3.74 18.55 9.45
C GLU B 78 3.50 18.01 8.05
N TYR B 79 2.91 16.82 7.98
CA TYR B 79 2.64 16.14 6.71
C TYR B 79 1.15 15.99 6.46
N LYS B 80 0.72 16.13 5.19
CA LYS B 80 -0.70 15.98 4.85
C LYS B 80 -0.85 15.01 3.70
N SER B 81 -1.77 14.07 3.86
CA SER B 81 -2.01 13.04 2.87
C SER B 81 -2.85 13.45 1.70
N VAL B 82 -3.04 12.49 0.80
CA VAL B 82 -3.86 12.68 -0.37
C VAL B 82 -5.29 12.70 0.16
N ILE B 83 -6.15 13.46 -0.51
CA ILE B 83 -7.54 13.53 -0.11
C ILE B 83 -8.34 12.82 -1.18
N TYR B 84 -9.03 11.74 -0.82
CA TYR B 84 -9.83 11.01 -1.79
C TYR B 84 -11.27 11.50 -1.71
N TYR B 85 -11.68 12.23 -2.74
CA TYR B 85 -13.01 12.81 -2.88
C TYR B 85 -14.14 11.81 -2.65
N GLN B 86 -14.96 12.09 -1.64
CA GLN B 86 -16.12 11.26 -1.31
C GLN B 86 -15.83 9.76 -1.21
N VAL B 87 -14.68 9.39 -0.66
CA VAL B 87 -14.32 7.99 -0.49
C VAL B 87 -14.37 7.66 0.99
N LYS B 88 -15.28 6.76 1.38
CA LYS B 88 -15.41 6.38 2.78
C LYS B 88 -14.35 5.43 3.32
N GLN B 89 -13.72 4.67 2.43
CA GLN B 89 -12.67 3.75 2.86
C GLN B 89 -11.37 4.12 2.15
N PRO B 90 -10.80 5.28 2.52
CA PRO B 90 -9.55 5.79 1.94
C PRO B 90 -8.40 4.81 2.10
N ARG B 91 -7.66 4.63 1.01
CA ARG B 91 -6.50 3.75 0.98
C ARG B 91 -5.28 4.62 0.64
N TRP B 92 -4.68 5.20 1.67
CA TRP B 92 -3.52 6.05 1.48
C TRP B 92 -2.23 5.32 1.14
N PHE B 93 -1.83 4.37 1.98
CA PHE B 93 -0.58 3.66 1.75
C PHE B 93 0.54 4.68 1.48
N GLU B 94 0.62 5.70 2.32
CA GLU B 94 1.65 6.74 2.20
C GLU B 94 2.69 6.54 3.31
N THR B 95 3.97 6.58 2.95
CA THR B 95 5.02 6.37 3.94
C THR B 95 5.98 7.51 4.10
N VAL B 96 6.25 7.88 5.35
CA VAL B 96 7.20 8.95 5.61
C VAL B 96 8.18 8.50 6.68
N LYS B 97 9.38 9.04 6.63
CA LYS B 97 10.40 8.70 7.61
C LYS B 97 10.42 9.76 8.69
N VAL B 98 10.39 9.34 9.94
CA VAL B 98 10.46 10.28 11.05
C VAL B 98 11.82 10.07 11.73
N ALA B 99 12.60 11.14 11.80
CA ALA B 99 13.93 11.09 12.40
C ALA B 99 13.96 11.98 13.64
N ILE B 100 13.88 11.34 14.81
CA ILE B 100 13.89 12.04 16.08
C ILE B 100 15.23 11.85 16.80
N PRO B 101 15.73 12.91 17.44
CA PRO B 101 17.02 12.72 18.14
C PRO B 101 16.76 11.66 19.21
N ILE B 102 17.67 10.71 19.37
CA ILE B 102 17.49 9.64 20.36
C ILE B 102 17.02 10.15 21.72
N GLU B 103 17.59 11.27 22.15
CA GLU B 103 17.26 11.85 23.44
C GLU B 103 15.80 12.25 23.62
N ASP B 104 15.06 12.41 22.51
CA ASP B 104 13.66 12.80 22.59
C ASP B 104 12.67 11.70 22.23
N VAL B 105 13.16 10.56 21.74
CA VAL B 105 12.29 9.46 21.34
C VAL B 105 11.28 8.96 22.38
N ASN B 106 11.79 8.62 23.56
CA ASN B 106 10.97 8.10 24.65
C ASN B 106 9.87 9.06 25.09
N ARG B 107 10.07 10.34 24.79
CA ARG B 107 9.13 11.39 25.18
C ARG B 107 8.16 11.80 24.07
N SER B 108 8.30 11.21 22.88
CA SER B 108 7.47 11.58 21.76
C SER B 108 6.37 10.62 21.33
N HIS B 109 5.40 11.17 20.61
CA HIS B 109 4.29 10.40 20.06
C HIS B 109 3.88 10.99 18.71
N LEU B 110 3.23 10.17 17.90
CA LEU B 110 2.78 10.62 16.61
C LEU B 110 1.30 11.00 16.70
N ARG B 111 0.95 12.20 16.24
CA ARG B 111 -0.45 12.64 16.27
C ARG B 111 -1.04 12.62 14.86
N PHE B 112 -2.25 12.08 14.75
CA PHE B 112 -2.95 12.00 13.48
C PHE B 112 -4.26 12.72 13.63
N THR B 113 -4.40 13.83 12.91
CA THR B 113 -5.62 14.60 12.98
C THR B 113 -6.36 14.46 11.66
N PHE B 114 -7.68 14.33 11.76
CA PHE B 114 -8.47 14.14 10.56
C PHE B 114 -9.36 15.33 10.31
N ARG B 115 -9.40 15.75 9.05
CA ARG B 115 -10.22 16.88 8.64
C ARG B 115 -11.00 16.55 7.38
N HIS B 116 -12.20 17.08 7.27
CA HIS B 116 -13.00 16.91 6.07
C HIS B 116 -12.65 18.18 5.28
N ARG B 117 -12.27 18.03 4.02
CA ARG B 117 -11.95 19.17 3.19
C ARG B 117 -13.04 19.24 2.13
N SER B 118 -13.74 20.36 2.10
CA SER B 118 -14.84 20.55 1.18
C SER B 118 -14.53 21.08 -0.21
N SER B 119 -14.99 20.37 -1.25
CA SER B 119 -14.84 20.83 -2.62
C SER B 119 -16.01 21.80 -2.54
N GLN B 120 -16.28 22.66 -3.50
CA GLN B 120 -17.37 23.53 -3.15
C GLN B 120 -18.67 23.88 -3.85
N ASP B 121 -19.52 24.44 -2.99
CA ASP B 121 -20.89 24.90 -3.21
C ASP B 121 -21.82 23.68 -3.05
N SER B 122 -21.80 23.17 -1.82
CA SER B 122 -22.59 22.01 -1.47
C SER B 122 -22.68 21.75 0.04
N LYS B 123 -22.91 22.81 0.80
CA LYS B 123 -23.09 22.75 2.27
C LYS B 123 -21.84 22.85 3.19
N ASP B 124 -21.24 24.04 3.23
CA ASP B 124 -20.06 24.40 4.06
C ASP B 124 -18.68 24.31 3.41
N LYS B 125 -17.66 24.89 4.06
CA LYS B 125 -16.29 24.90 3.51
C LYS B 125 -15.11 24.61 4.46
N SER B 126 -14.39 23.52 4.14
CA SER B 126 -13.21 23.05 4.87
C SER B 126 -13.33 22.96 6.39
N GLU B 127 -14.23 22.10 6.83
CA GLU B 127 -14.54 21.83 8.23
C GLU B 127 -13.32 21.64 9.13
N LYS B 128 -13.52 21.84 10.43
CA LYS B 128 -12.44 21.70 11.41
C LYS B 128 -12.06 20.24 11.63
N ILE B 129 -11.07 20.05 12.51
CA ILE B 129 -10.61 18.72 12.87
C ILE B 129 -11.79 17.99 13.48
N PHE B 130 -12.12 16.82 12.95
CA PHE B 130 -13.25 16.06 13.50
C PHE B 130 -12.81 14.80 14.24
N ALA B 131 -11.54 14.40 14.09
CA ALA B 131 -11.07 13.21 14.78
C ALA B 131 -9.56 13.23 15.03
N LEU B 132 -9.12 12.40 15.97
CA LEU B 132 -7.70 12.31 16.31
C LEU B 132 -7.29 10.89 16.67
N ALA B 133 -6.08 10.52 16.25
CA ALA B 133 -5.50 9.20 16.55
C ALA B 133 -4.05 9.46 16.89
N PHE B 134 -3.48 8.62 17.75
CA PHE B 134 -2.08 8.80 18.13
C PHE B 134 -1.44 7.48 18.57
N VAL B 135 -0.12 7.51 18.68
CA VAL B 135 0.64 6.33 19.08
C VAL B 135 1.97 6.81 19.66
N LYS B 136 2.32 6.29 20.83
CA LYS B 136 3.56 6.68 21.51
C LYS B 136 4.76 5.87 21.06
N LEU B 137 5.87 6.55 20.79
CA LEU B 137 7.08 5.84 20.39
C LEU B 137 7.48 4.86 21.51
N MET B 138 7.27 5.24 22.76
CA MET B 138 7.56 4.36 23.89
C MET B 138 6.39 4.39 24.86
N ARG B 139 5.78 3.24 25.11
CA ARG B 139 4.65 3.15 26.01
C ARG B 139 5.06 3.28 27.49
N TYR B 140 4.07 3.26 28.37
CA TYR B 140 4.29 3.35 29.82
C TYR B 140 5.02 2.14 30.38
N ASP B 141 4.79 0.97 29.79
CA ASP B 141 5.43 -0.25 30.25
C ASP B 141 6.91 -0.26 29.86
N GLY B 142 7.34 0.76 29.12
CA GLY B 142 8.72 0.86 28.70
C GLY B 142 9.01 0.40 27.28
N THR B 143 8.32 -0.64 26.84
CA THR B 143 8.52 -1.18 25.49
C THR B 143 8.36 -0.11 24.41
N THR B 144 9.14 -0.23 23.35
CA THR B 144 9.05 0.71 22.25
C THR B 144 7.97 0.21 21.31
N LEU B 145 7.51 1.08 20.43
CA LEU B 145 6.46 0.72 19.50
C LEU B 145 6.86 -0.51 18.65
N ARG B 146 6.11 -1.59 18.79
CA ARG B 146 6.41 -2.82 18.05
C ARG B 146 6.15 -2.64 16.55
N ASP B 147 7.17 -2.95 15.74
CA ASP B 147 7.05 -2.84 14.29
C ASP B 147 5.79 -3.55 13.83
N GLY B 148 5.26 -3.16 12.68
CA GLY B 148 4.05 -3.80 12.18
C GLY B 148 2.85 -2.87 12.14
N GLU B 149 1.68 -3.42 11.81
CA GLU B 149 0.47 -2.61 11.71
C GLU B 149 -0.23 -2.37 13.04
N HIS B 150 -0.83 -1.19 13.15
CA HIS B 150 -1.53 -0.79 14.36
C HIS B 150 -2.95 -0.33 14.06
N ASP B 151 -3.92 -0.92 14.75
CA ASP B 151 -5.31 -0.52 14.60
C ASP B 151 -5.48 0.64 15.57
N LEU B 152 -5.37 1.87 15.09
CA LEU B 152 -5.50 3.01 16.00
C LEU B 152 -6.92 3.39 16.34
N ILE B 153 -7.11 3.84 17.57
CA ILE B 153 -8.42 4.28 17.99
C ILE B 153 -8.65 5.69 17.47
N VAL B 154 -9.80 5.90 16.85
CA VAL B 154 -10.15 7.21 16.32
C VAL B 154 -11.03 7.86 17.38
N TYR B 155 -10.48 8.89 18.00
CA TYR B 155 -11.14 9.65 19.06
C TYR B 155 -11.85 10.88 18.48
N LYS B 156 -12.98 11.23 19.08
CA LYS B 156 -13.73 12.40 18.64
C LYS B 156 -14.12 13.25 19.83
N ALA B 157 -14.11 14.57 19.63
CA ALA B 157 -14.47 15.51 20.69
C ALA B 157 -14.40 16.89 20.08
N GLU B 158 -14.80 17.91 20.84
CA GLU B 158 -14.75 19.28 20.33
C GLU B 158 -13.30 19.62 20.01
N ALA B 159 -13.13 20.42 18.95
CA ALA B 159 -11.83 20.83 18.45
C ALA B 159 -10.70 21.00 19.47
N LYS B 160 -10.88 21.89 20.44
CA LYS B 160 -9.85 22.17 21.44
C LYS B 160 -9.44 20.98 22.32
N LYS B 161 -10.43 20.27 22.86
CA LYS B 161 -10.19 19.13 23.72
C LYS B 161 -9.49 18.02 22.93
N LEU B 162 -9.77 18.01 21.64
CA LEU B 162 -9.22 17.02 20.72
C LEU B 162 -7.70 17.08 20.61
N GLU B 163 -7.16 18.29 20.49
CA GLU B 163 -5.72 18.48 20.35
C GLU B 163 -4.92 18.61 21.65
N ASP B 164 -5.54 18.30 22.79
CA ASP B 164 -4.84 18.41 24.06
C ASP B 164 -4.19 17.10 24.51
N ALA B 165 -2.88 17.01 24.29
CA ALA B 165 -2.12 15.81 24.66
C ALA B 165 -2.23 15.46 26.14
N ALA B 166 -2.57 16.45 26.95
CA ALA B 166 -2.72 16.26 28.40
C ALA B 166 -3.93 15.37 28.69
N THR B 167 -4.76 15.20 27.68
CA THR B 167 -5.97 14.39 27.82
C THR B 167 -5.85 13.02 27.16
N TYR B 168 -5.60 12.99 25.85
CA TYR B 168 -5.51 11.72 25.16
C TYR B 168 -4.30 10.85 25.48
N LEU B 169 -3.24 11.44 26.01
CA LEU B 169 -2.06 10.64 26.35
C LEU B 169 -2.36 9.63 27.47
N SER B 170 -3.37 9.91 28.29
CA SER B 170 -3.74 9.00 29.38
C SER B 170 -4.77 7.97 28.91
N LEU B 171 -4.97 7.89 27.60
CA LEU B 171 -5.94 6.96 27.01
C LEU B 171 -5.26 5.94 26.10
N PRO B 172 -5.83 4.74 25.97
CA PRO B 172 -5.19 3.75 25.09
C PRO B 172 -5.13 4.30 23.67
N SER B 173 -4.11 3.93 22.93
CA SER B 173 -3.99 4.42 21.57
C SER B 173 -4.37 3.41 20.51
N THR B 174 -4.40 2.12 20.86
CA THR B 174 -4.75 1.08 19.90
C THR B 174 -5.93 0.26 20.41
N LYS B 175 -6.60 -0.40 19.48
CA LYS B 175 -7.75 -1.22 19.84
C LYS B 175 -7.32 -2.46 20.64
N ALA B 176 -6.08 -2.89 20.42
CA ALA B 176 -5.54 -4.04 21.14
C ALA B 176 -5.29 -3.60 22.58
N GLU B 177 -4.63 -2.45 22.71
CA GLU B 177 -4.33 -1.88 24.01
C GLU B 177 -5.63 -1.64 24.78
N LEU B 178 -6.74 -1.57 24.04
CA LEU B 178 -8.05 -1.35 24.64
C LEU B 178 -8.67 -2.64 25.16
N GLU B 179 -8.43 -3.75 24.45
CA GLU B 179 -8.95 -5.05 24.86
C GLU B 179 -8.55 -5.35 26.30
N GLU B 180 -7.51 -4.68 26.75
CA GLU B 180 -7.00 -4.84 28.11
C GLU B 180 -7.83 -4.00 29.09
N SER B 189 -17.43 -2.46 22.65
CA SER B 189 -18.73 -1.91 22.98
C SER B 189 -18.59 -0.57 23.71
N MET B 190 -17.34 -0.15 23.95
CA MET B 190 -17.11 1.12 24.62
C MET B 190 -17.09 2.18 23.52
N GLN B 191 -17.84 3.25 23.73
CA GLN B 191 -17.93 4.30 22.73
C GLN B 191 -17.49 5.59 23.36
N SER B 192 -17.01 5.51 24.59
CA SER B 192 -16.59 6.72 25.30
C SER B 192 -15.65 6.39 26.46
N LEU B 193 -14.67 7.26 26.67
CA LEU B 193 -13.69 7.07 27.74
C LEU B 193 -13.08 8.42 28.05
N GLY B 194 -12.98 8.74 29.33
CA GLY B 194 -12.41 10.02 29.71
C GLY B 194 -13.02 11.20 28.97
N SER B 195 -14.32 11.10 28.69
CA SER B 195 -15.11 12.12 28.00
C SER B 195 -14.91 12.12 26.48
N CYS B 196 -13.92 11.37 26.02
CA CYS B 196 -13.62 11.28 24.60
C CYS B 196 -14.48 10.20 23.98
N THR B 197 -14.90 10.40 22.74
CA THR B 197 -15.73 9.43 22.04
C THR B 197 -14.82 8.49 21.26
N ILE B 198 -15.11 7.20 21.35
CA ILE B 198 -14.35 6.20 20.64
C ILE B 198 -15.20 5.89 19.43
N SER B 199 -14.89 6.55 18.33
CA SER B 199 -15.65 6.37 17.10
C SER B 199 -15.59 4.96 16.57
N LYS B 200 -16.56 4.64 15.71
CA LYS B 200 -16.62 3.33 15.08
C LYS B 200 -15.77 3.42 13.80
N ASP B 201 -15.26 4.61 13.50
CA ASP B 201 -14.39 4.78 12.34
C ASP B 201 -13.09 4.04 12.64
N SER B 202 -12.34 3.74 11.58
CA SER B 202 -11.09 2.99 11.74
C SER B 202 -9.94 3.68 11.04
N PHE B 203 -8.74 3.44 11.54
CA PHE B 203 -7.54 4.02 10.97
C PHE B 203 -6.39 3.08 11.25
N GLN B 204 -5.63 2.75 10.21
CA GLN B 204 -4.52 1.83 10.38
C GLN B 204 -3.21 2.37 9.85
N ILE B 205 -2.16 2.23 10.64
CA ILE B 205 -0.83 2.64 10.21
C ILE B 205 0.07 1.43 10.36
N SER B 206 1.29 1.57 9.87
CA SER B 206 2.28 0.52 9.94
C SER B 206 3.59 1.21 10.27
N THR B 207 4.38 0.63 11.16
CA THR B 207 5.64 1.25 11.53
C THR B 207 6.88 0.38 11.37
N LEU B 208 8.04 1.03 11.38
CA LEU B 208 9.31 0.35 11.21
C LEU B 208 10.38 1.16 11.93
N VAL B 209 10.64 0.80 13.19
CA VAL B 209 11.63 1.50 14.01
C VAL B 209 13.05 1.01 13.72
N CYS B 210 13.80 1.79 12.94
CA CYS B 210 15.17 1.43 12.63
C CYS B 210 16.03 1.67 13.85
N SER B 211 16.08 0.65 14.71
CA SER B 211 16.88 0.73 15.93
C SER B 211 18.33 0.92 15.54
N THR B 212 18.79 2.17 15.62
CA THR B 212 20.15 2.51 15.28
C THR B 212 20.85 3.07 16.52
S2 BME C . 5.91 -10.80 -27.36
S2 BME D . -11.01 13.53 23.79
#